data_1L2B
#
_entry.id   1L2B
#
_cell.length_a   45.179
_cell.length_b   94.518
_cell.length_c   105.004
_cell.angle_alpha   90
_cell.angle_beta   90
_cell.angle_gamma   90
#
_symmetry.space_group_name_H-M   'P 21 21 21'
#
loop_
_entity.id
_entity.type
_entity.pdbx_description
1 polymer "5'-D(*AP*GP*GP*TP*AP*GP*AP*CP*CP*TP*GP*GP*AP*CP*GP*C)-3'"
2 polymer "5'-D(*TP*GP*CP*GP*TP*CP*C*(AD2))-3'"
3 polymer "5'-D(P*GP*TP*CP*TP*AP*CP*C)-3'"
4 polymer MutM
5 non-polymer 'ZINC ION'
6 water water
#
loop_
_entity_poly.entity_id
_entity_poly.type
_entity_poly.pdbx_seq_one_letter_code
_entity_poly.pdbx_strand_id
1 'polydeoxyribonucleotide' (DA)(DG)(DG)(DT)(DA)(DG)(DA)(DC)(DC)(DT)(DG)(DG)(DA)(DC)(DG)(DC) B
2 'polydeoxyribonucleotide' (DT)(DG)(DC)(DG)(DT)(DC)(DC)(AD2) C
3 'polydeoxyribonucleotide' (DG)(DT)(DC)(DT)(DA)(DC)(DC) D
4 'polypeptide(L)'
;MPELPEVETIRRTLLPLIVGKTIEDVRIFWPNIIRHPRDSEAFAARMIGQTVRGLERRGKFLKFLLDRDALISHLRMEGR
YAVASALEPLEPHTHVVFCFTDGSELRYRDVRKFGTMHVYAKEEADRRPPLAELGPEPLSPAFSPAVLAERAVKTKRSVK
ALLLDQTVVAGFGNIYVDESLFRAGILPGRPAASLSSKEIERLHEEMVATIGEAVMKGGSTVRTYVNTQGEAGTFQHHLY
VYGRQGNPCKRCGTPIEKTVVAGRGTHYCPRCQR
;
A
#
loop_
_chem_comp.id
_chem_comp.type
_chem_comp.name
_chem_comp.formula
AD2 DNA linking 2'-DEOXY-ADENOSINE-3'-5'-DIPHOSPHATE 'C10 H15 N5 O9 P2'
DA DNA linking 2'-DEOXYADENOSINE-5'-MONOPHOSPHATE 'C10 H14 N5 O6 P'
DC DNA linking 2'-DEOXYCYTIDINE-5'-MONOPHOSPHATE 'C9 H14 N3 O7 P'
DG DNA linking 2'-DEOXYGUANOSINE-5'-MONOPHOSPHATE 'C10 H14 N5 O7 P'
DT DNA linking THYMIDINE-5'-MONOPHOSPHATE 'C10 H15 N2 O8 P'
ZN non-polymer 'ZINC ION' 'Zn 2'
#
# COMPACT_ATOMS: atom_id res chain seq x y z
P1 AD2 B 8 -13.95 6.23 -11.83
OP1 AD2 B 8 -13.31 5.39 -12.88
OP2 AD2 B 8 -15.18 5.75 -11.15
O5' AD2 B 8 -12.87 6.58 -10.73
P2 AD2 B 8 -9.71 3.19 -8.66
O5P AD2 B 8 -10.67 2.71 -9.67
O4P AD2 B 8 -9.86 2.78 -7.24
O6P AD2 B 8 -8.30 2.82 -9.11
N9 AD2 B 8 -12.31 8.27 -7.28
C4 AD2 B 8 -12.21 9.61 -6.98
N3 AD2 B 8 -11.12 10.38 -7.08
C2 AD2 B 8 -11.39 11.63 -6.70
N1 AD2 B 8 -12.54 12.14 -6.26
C6 AD2 B 8 -13.62 11.34 -6.17
N6 AD2 B 8 -14.77 11.85 -5.74
C5 AD2 B 8 -13.47 10.01 -6.56
N7 AD2 B 8 -14.35 8.94 -6.60
C8 AD2 B 8 -13.63 7.94 -7.05
C2' AD2 B 8 -11.74 5.94 -7.96
C5' AD2 B 8 -11.53 6.91 -11.11
C4' AD2 B 8 -10.61 6.74 -9.92
O4' AD2 B 8 -10.81 7.85 -9.00
C1' AD2 B 8 -11.26 7.37 -7.74
C3' AD2 B 8 -10.92 5.47 -9.13
O3' AD2 B 8 -9.72 4.80 -8.70
N PRO D 2 -1.62 4.50 -3.82
CA PRO D 2 -0.36 3.83 -3.41
C PRO D 2 -0.56 2.41 -2.90
N GLU D 3 0.22 1.48 -3.48
CA GLU D 3 0.16 0.07 -3.12
C GLU D 3 1.55 -0.32 -2.66
N LEU D 4 1.83 -1.61 -2.51
CA LEU D 4 3.14 -2.02 -2.03
C LEU D 4 4.34 -1.35 -2.72
N PRO D 5 4.34 -1.32 -4.06
CA PRO D 5 5.49 -0.68 -4.74
C PRO D 5 5.67 0.80 -4.41
N GLU D 6 4.57 1.54 -4.32
CA GLU D 6 4.65 2.95 -4.01
C GLU D 6 5.06 3.19 -2.56
N VAL D 7 4.44 2.45 -1.65
CA VAL D 7 4.73 2.59 -0.22
C VAL D 7 6.13 2.12 0.10
N GLU D 8 6.62 1.11 -0.61
CA GLU D 8 7.96 0.58 -0.38
C GLU D 8 9.03 1.53 -0.91
N THR D 9 8.70 2.25 -1.97
CA THR D 9 9.62 3.22 -2.57
C THR D 9 9.74 4.41 -1.61
N ILE D 10 8.61 4.86 -1.07
CA ILE D 10 8.60 5.97 -0.12
C ILE D 10 9.47 5.61 1.07
N ARG D 11 9.38 4.36 1.51
CA ARG D 11 10.14 3.89 2.66
C ARG D 11 11.65 4.00 2.45
N ARG D 12 12.13 3.58 1.29
CA ARG D 12 13.56 3.62 1.01
C ARG D 12 14.08 5.03 0.82
N THR D 13 13.22 5.90 0.30
CA THR D 13 13.59 7.29 0.04
C THR D 13 13.48 8.23 1.25
N LEU D 14 12.75 7.82 2.28
CA LEU D 14 12.55 8.70 3.44
C LEU D 14 13.44 8.40 4.65
N LEU D 15 13.78 7.14 4.85
CA LEU D 15 14.58 6.73 6.00
C LEU D 15 15.83 7.56 6.27
N PRO D 16 16.70 7.73 5.27
CA PRO D 16 17.92 8.52 5.50
C PRO D 16 17.71 9.99 5.74
N LEU D 17 16.50 10.48 5.53
CA LEU D 17 16.22 11.91 5.75
C LEU D 17 15.70 12.17 7.17
N ILE D 18 15.44 11.12 7.93
CA ILE D 18 14.93 11.30 9.28
C ILE D 18 15.62 10.47 10.36
N VAL D 19 16.40 9.46 9.96
CA VAL D 19 17.05 8.62 10.97
C VAL D 19 17.95 9.42 11.89
N GLY D 20 17.79 9.21 13.19
CA GLY D 20 18.60 9.90 14.16
C GLY D 20 18.08 11.26 14.60
N LYS D 21 16.98 11.72 14.00
CA LYS D 21 16.44 13.01 14.41
C LYS D 21 15.52 12.87 15.63
N THR D 22 15.63 13.80 16.57
CA THR D 22 14.83 13.75 17.79
C THR D 22 13.60 14.65 17.69
N ILE D 23 12.43 14.09 18.00
CA ILE D 23 11.16 14.83 17.94
C ILE D 23 11.04 15.85 19.07
N GLU D 24 10.72 17.09 18.72
CA GLU D 24 10.56 18.18 19.68
C GLU D 24 9.11 18.62 19.88
N ASP D 25 8.27 18.43 18.86
CA ASP D 25 6.85 18.81 18.93
C ASP D 25 6.05 18.13 17.80
N VAL D 26 4.73 18.02 17.99
CA VAL D 26 3.84 17.41 17.00
C VAL D 26 2.57 18.24 16.89
N ARG D 27 2.16 18.55 15.66
CA ARG D 27 0.96 19.37 15.45
C ARG D 27 -0.10 18.74 14.54
N ILE D 28 -1.34 18.77 15.02
CA ILE D 28 -2.48 18.19 14.30
C ILE D 28 -3.52 19.24 13.87
N PHE D 29 -3.79 19.31 12.56
CA PHE D 29 -4.75 20.26 12.02
C PHE D 29 -6.05 19.58 11.52
N TRP D 30 -6.09 18.25 11.62
CA TRP D 30 -7.26 17.47 11.21
C TRP D 30 -7.27 16.20 12.06
N PRO D 31 -7.77 16.30 13.29
CA PRO D 31 -7.91 15.28 14.34
C PRO D 31 -8.34 13.87 13.96
N ASN D 32 -9.37 13.74 13.13
CA ASN D 32 -9.90 12.44 12.71
C ASN D 32 -8.87 11.48 12.15
N ILE D 33 -7.73 12.00 11.71
CA ILE D 33 -6.67 11.16 11.15
C ILE D 33 -6.01 10.30 12.21
N ILE D 34 -6.05 10.79 13.45
CA ILE D 34 -5.46 10.12 14.60
C ILE D 34 -6.44 9.12 15.19
N ARG D 35 -6.10 7.82 15.11
CA ARG D 35 -6.98 6.75 15.60
C ARG D 35 -6.67 6.17 16.98
N HIS D 36 -5.41 6.22 17.39
CA HIS D 36 -5.02 5.71 18.69
C HIS D 36 -3.65 6.24 19.12
N PRO D 37 -3.58 6.83 20.32
CA PRO D 37 -4.73 7.00 21.21
C PRO D 37 -5.75 7.95 20.60
N ARG D 38 -7.02 7.80 20.97
CA ARG D 38 -8.07 8.65 20.44
C ARG D 38 -7.84 10.14 20.65
N ASP D 39 -7.40 10.52 21.84
CA ASP D 39 -7.14 11.92 22.15
C ASP D 39 -5.87 12.39 21.42
N SER D 40 -6.04 13.26 20.43
CA SER D 40 -4.91 13.78 19.65
C SER D 40 -3.89 14.52 20.51
N GLU D 41 -4.26 14.92 21.71
CA GLU D 41 -3.30 15.61 22.58
C GLU D 41 -2.37 14.59 23.26
N ALA D 42 -2.87 13.38 23.51
CA ALA D 42 -2.04 12.34 24.11
C ALA D 42 -1.06 11.79 23.05
N PHE D 43 -1.55 11.60 21.84
CA PHE D 43 -0.76 11.13 20.71
C PHE D 43 0.44 12.05 20.55
N ALA D 44 0.18 13.36 20.61
CA ALA D 44 1.23 14.35 20.47
C ALA D 44 2.28 14.36 21.60
N ALA D 45 1.83 14.20 22.84
CA ALA D 45 2.75 14.24 23.98
C ALA D 45 3.64 13.03 24.23
N ARG D 46 3.20 11.83 23.82
CA ARG D 46 4.00 10.63 24.07
C ARG D 46 5.23 10.54 23.18
N MET D 47 5.16 11.15 22.01
CA MET D 47 6.26 11.14 21.06
C MET D 47 7.36 12.16 21.36
N ILE D 48 7.03 13.24 22.05
CA ILE D 48 8.02 14.26 22.34
C ILE D 48 9.24 13.72 23.09
N GLY D 49 10.43 13.96 22.55
CA GLY D 49 11.63 13.47 23.20
C GLY D 49 12.17 12.16 22.65
N GLN D 50 11.48 11.54 21.70
CA GLN D 50 11.94 10.27 21.12
C GLN D 50 12.73 10.50 19.85
N THR D 51 13.67 9.58 19.59
CA THR D 51 14.52 9.68 18.41
C THR D 51 14.15 8.62 17.37
N VAL D 52 14.11 9.03 16.11
CA VAL D 52 13.79 8.12 15.01
C VAL D 52 14.95 7.16 14.79
N ARG D 53 14.73 5.88 15.11
CA ARG D 53 15.77 4.85 14.97
C ARG D 53 15.70 4.03 13.67
N GLY D 54 14.49 3.87 13.11
CA GLY D 54 14.31 3.12 11.88
C GLY D 54 12.96 3.27 11.19
N LEU D 55 12.80 2.64 10.02
CA LEU D 55 11.54 2.73 9.27
C LEU D 55 11.28 1.44 8.46
N GLU D 56 10.13 0.81 8.70
CA GLU D 56 9.79 -0.44 8.03
C GLU D 56 8.45 -0.42 7.28
N ARG D 57 8.13 -1.53 6.62
CA ARG D 57 6.87 -1.66 5.87
C ARG D 57 6.20 -3.01 6.12
N ARG D 58 4.88 -2.99 6.18
CA ARG D 58 4.09 -4.21 6.37
C ARG D 58 2.88 -4.05 5.47
N GLY D 59 2.87 -4.78 4.35
CA GLY D 59 1.77 -4.63 3.41
C GLY D 59 1.79 -3.20 2.89
N LYS D 60 0.68 -2.49 3.01
CA LYS D 60 0.60 -1.11 2.56
C LYS D 60 0.85 -0.07 3.68
N PHE D 61 1.21 -0.52 4.88
CA PHE D 61 1.46 0.36 6.02
C PHE D 61 2.93 0.74 6.24
N LEU D 62 3.17 2.00 6.55
CA LEU D 62 4.53 2.46 6.87
C LEU D 62 4.64 2.28 8.39
N LYS D 63 5.77 1.77 8.87
CA LYS D 63 5.95 1.56 10.30
C LYS D 63 7.17 2.28 10.86
N PHE D 64 6.94 3.45 11.45
CA PHE D 64 7.99 4.28 12.02
C PHE D 64 8.45 3.71 13.36
N LEU D 65 9.76 3.54 13.50
CA LEU D 65 10.32 2.99 14.73
C LEU D 65 11.05 4.05 15.57
N LEU D 66 10.50 4.36 16.74
CA LEU D 66 11.09 5.37 17.61
C LEU D 66 11.92 4.75 18.76
N ASP D 67 11.83 5.29 19.98
CA ASP D 67 12.59 4.76 21.14
C ASP D 67 11.86 3.58 21.78
N ARG D 68 10.62 3.82 22.18
CA ARG D 68 9.80 2.80 22.82
C ARG D 68 8.54 2.54 21.99
N ASP D 69 8.14 3.53 21.19
CA ASP D 69 6.94 3.40 20.38
C ASP D 69 7.18 3.14 18.89
N ALA D 70 6.10 2.75 18.21
CA ALA D 70 6.09 2.51 16.78
C ALA D 70 4.91 3.32 16.27
N LEU D 71 5.10 4.11 15.20
CA LEU D 71 4.00 4.88 14.63
C LEU D 71 3.55 4.19 13.34
N ILE D 72 2.28 3.75 13.31
CA ILE D 72 1.71 3.04 12.16
C ILE D 72 0.87 3.95 11.26
N SER D 73 1.35 4.18 10.03
CA SER D 73 0.69 5.07 9.07
C SER D 73 0.19 4.45 7.76
N HIS D 74 -1.08 4.73 7.42
CA HIS D 74 -1.71 4.25 6.18
C HIS D 74 -2.05 5.46 5.31
N LEU D 75 -1.60 5.44 4.06
CA LEU D 75 -1.82 6.57 3.15
C LEU D 75 -3.15 6.66 2.39
N ARG D 76 -3.92 5.56 2.35
CA ARG D 76 -5.18 5.50 1.63
C ARG D 76 -5.04 6.00 0.18
N MET D 77 -5.83 6.98 -0.24
CA MET D 77 -5.74 7.46 -1.63
C MET D 77 -4.85 8.68 -1.93
N GLU D 78 -4.76 9.63 -1.00
CA GLU D 78 -3.95 10.82 -1.26
C GLU D 78 -2.78 11.11 -0.32
N GLY D 79 -2.67 10.38 0.79
CA GLY D 79 -1.61 10.62 1.74
C GLY D 79 -0.20 10.69 1.18
N ARG D 80 0.58 11.69 1.61
CA ARG D 80 1.95 11.86 1.14
C ARG D 80 2.85 12.52 2.19
N TYR D 81 4.13 12.09 2.25
CA TYR D 81 5.12 12.64 3.18
C TYR D 81 6.23 13.47 2.49
N ALA D 82 6.82 14.40 3.23
CA ALA D 82 7.91 15.25 2.70
C ALA D 82 8.63 15.90 3.88
N VAL D 83 9.96 16.02 3.81
CA VAL D 83 10.73 16.66 4.89
C VAL D 83 11.26 18.01 4.42
N ALA D 84 11.21 19.02 5.29
CA ALA D 84 11.69 20.36 4.93
C ALA D 84 12.04 21.25 6.11
N SER D 85 12.53 22.45 5.82
CA SER D 85 12.90 23.41 6.85
C SER D 85 11.67 23.94 7.58
N ALA D 86 11.74 24.04 8.90
CA ALA D 86 10.62 24.54 9.67
C ALA D 86 10.37 26.03 9.45
N LEU D 87 11.31 26.70 8.78
CA LEU D 87 11.14 28.12 8.56
C LEU D 87 10.38 28.50 7.28
N GLU D 88 10.10 27.52 6.42
CA GLU D 88 9.36 27.77 5.18
C GLU D 88 7.87 27.50 5.38
N PRO D 89 7.01 28.07 4.51
CA PRO D 89 5.54 27.92 4.56
C PRO D 89 5.10 26.50 4.20
N LEU D 90 4.02 26.04 4.81
CA LEU D 90 3.51 24.70 4.53
C LEU D 90 2.73 24.67 3.22
N GLU D 91 2.68 23.50 2.60
CA GLU D 91 1.93 23.34 1.38
C GLU D 91 0.48 23.21 1.84
N PRO D 92 -0.48 23.39 0.92
CA PRO D 92 -1.89 23.26 1.33
C PRO D 92 -2.21 21.79 1.62
N HIS D 93 -3.23 21.54 2.42
CA HIS D 93 -3.64 20.18 2.76
C HIS D 93 -2.67 19.42 3.66
N THR D 94 -1.86 20.16 4.41
CA THR D 94 -0.92 19.57 5.36
C THR D 94 -1.70 19.44 6.67
N HIS D 95 -1.90 18.21 7.13
CA HIS D 95 -2.69 17.97 8.33
C HIS D 95 -1.95 17.55 9.60
N VAL D 96 -0.77 16.96 9.47
CA VAL D 96 0.02 16.53 10.62
C VAL D 96 1.49 16.85 10.35
N VAL D 97 2.17 17.44 11.34
CA VAL D 97 3.60 17.79 11.20
C VAL D 97 4.41 17.46 12.47
N PHE D 98 5.59 16.85 12.27
CA PHE D 98 6.47 16.51 13.38
C PHE D 98 7.72 17.37 13.30
N CYS D 99 7.98 18.17 14.34
CA CYS D 99 9.15 19.05 14.36
C CYS D 99 10.33 18.44 15.12
N PHE D 100 11.50 18.43 14.48
CA PHE D 100 12.69 17.85 15.09
C PHE D 100 13.56 18.93 15.74
N THR D 101 14.38 18.54 16.72
CA THR D 101 15.23 19.49 17.40
C THR D 101 16.31 20.16 16.53
N ASP D 102 16.43 19.78 15.26
CA ASP D 102 17.46 20.42 14.46
C ASP D 102 16.93 21.48 13.51
N GLY D 103 15.63 21.78 13.62
CA GLY D 103 15.01 22.79 12.78
C GLY D 103 14.28 22.29 11.54
N SER D 104 14.33 20.98 11.31
CA SER D 104 13.68 20.41 10.14
C SER D 104 12.39 19.72 10.58
N GLU D 105 11.55 19.34 9.62
CA GLU D 105 10.29 18.68 9.96
C GLU D 105 9.76 17.68 8.92
N LEU D 106 8.96 16.73 9.40
CA LEU D 106 8.32 15.73 8.53
C LEU D 106 6.86 16.16 8.33
N ARG D 107 6.46 16.39 7.08
CA ARG D 107 5.10 16.84 6.77
C ARG D 107 4.22 15.79 6.07
N TYR D 108 2.98 15.68 6.53
CA TYR D 108 2.02 14.73 5.97
C TYR D 108 0.87 15.49 5.29
N ARG D 109 0.67 15.23 4.00
CA ARG D 109 -0.40 15.85 3.23
C ARG D 109 -1.39 14.78 2.76
N ASP D 110 -2.66 15.16 2.65
CA ASP D 110 -3.70 14.22 2.24
C ASP D 110 -4.91 15.05 1.85
N VAL D 111 -5.11 15.20 0.54
CA VAL D 111 -6.21 16.01 0.04
C VAL D 111 -7.58 15.56 0.46
N ARG D 112 -7.87 14.27 0.31
CA ARG D 112 -9.20 13.78 0.68
C ARG D 112 -9.39 13.46 2.17
N LYS D 113 -8.31 13.48 2.94
CA LYS D 113 -8.36 13.22 4.38
C LYS D 113 -8.74 11.80 4.82
N PHE D 114 -8.36 10.80 4.04
CA PHE D 114 -8.70 9.42 4.39
C PHE D 114 -7.66 8.68 5.23
N GLY D 115 -6.40 9.12 5.17
CA GLY D 115 -5.32 8.48 5.91
C GLY D 115 -5.57 8.24 7.39
N THR D 116 -4.80 7.35 7.99
CA THR D 116 -4.95 7.01 9.41
C THR D 116 -3.59 6.85 10.08
N MET D 117 -3.58 7.00 11.42
CA MET D 117 -2.37 6.86 12.22
C MET D 117 -2.62 6.22 13.61
N HIS D 118 -1.83 5.21 13.94
CA HIS D 118 -1.90 4.52 15.24
C HIS D 118 -0.50 4.49 15.85
N VAL D 119 -0.42 4.35 17.17
CA VAL D 119 0.88 4.27 17.82
C VAL D 119 0.78 3.42 19.06
N TYR D 120 1.71 2.50 19.21
CA TYR D 120 1.73 1.58 20.34
C TYR D 120 3.19 1.29 20.70
N ALA D 121 3.43 0.70 21.86
CA ALA D 121 4.79 0.35 22.25
C ALA D 121 5.22 -0.64 21.14
N LYS D 122 6.51 -0.66 20.81
CA LYS D 122 7.03 -1.54 19.75
C LYS D 122 6.55 -2.99 19.80
N GLU D 123 6.77 -3.65 20.93
CA GLU D 123 6.38 -5.05 21.11
C GLU D 123 4.88 -5.33 21.03
N GLU D 124 4.05 -4.30 21.02
CA GLU D 124 2.60 -4.51 20.93
C GLU D 124 2.02 -4.24 19.54
N ALA D 125 2.78 -3.55 18.70
CA ALA D 125 2.33 -3.20 17.36
C ALA D 125 1.85 -4.37 16.50
N ASP D 126 2.61 -5.45 16.44
CA ASP D 126 2.21 -6.60 15.64
C ASP D 126 1.08 -7.43 16.22
N ARG D 127 0.70 -7.16 17.46
CA ARG D 127 -0.38 -7.95 18.06
C ARG D 127 -1.69 -7.20 18.11
N ARG D 128 -1.74 -6.00 17.54
CA ARG D 128 -2.98 -5.23 17.58
C ARG D 128 -3.40 -4.65 16.24
N PRO D 129 -4.65 -4.18 16.13
CA PRO D 129 -5.08 -3.60 14.85
C PRO D 129 -4.33 -2.29 14.59
N PRO D 130 -4.14 -1.92 13.33
CA PRO D 130 -4.58 -2.62 12.12
C PRO D 130 -3.60 -3.64 11.53
N LEU D 131 -2.47 -3.90 12.17
CA LEU D 131 -1.49 -4.84 11.61
C LEU D 131 -1.69 -6.32 12.01
N ALA D 132 -2.51 -6.56 13.02
CA ALA D 132 -2.74 -7.91 13.54
C ALA D 132 -3.24 -8.96 12.54
N GLU D 133 -4.46 -8.79 12.04
CA GLU D 133 -5.02 -9.78 11.11
C GLU D 133 -4.59 -9.47 9.68
N LEU D 134 -3.28 -9.36 9.47
CA LEU D 134 -2.73 -9.07 8.15
C LEU D 134 -2.00 -10.30 7.57
N GLY D 135 -2.17 -10.52 6.27
CA GLY D 135 -1.55 -11.67 5.62
C GLY D 135 -0.05 -11.60 5.38
N PRO D 136 0.55 -12.64 4.79
CA PRO D 136 1.98 -12.71 4.50
C PRO D 136 2.44 -11.78 3.38
N GLU D 137 3.73 -11.49 3.38
CA GLU D 137 4.31 -10.63 2.35
C GLU D 137 4.43 -11.39 1.03
N PRO D 138 3.99 -10.77 -0.09
CA PRO D 138 4.07 -11.41 -1.40
C PRO D 138 5.48 -11.79 -1.86
N LEU D 139 6.48 -11.01 -1.45
CA LEU D 139 7.88 -11.29 -1.84
C LEU D 139 8.61 -12.11 -0.77
N SER D 140 7.88 -12.96 -0.06
CA SER D 140 8.48 -13.77 0.97
C SER D 140 7.97 -15.21 0.92
N PRO D 141 8.74 -16.15 1.47
CA PRO D 141 8.39 -17.57 1.51
C PRO D 141 7.02 -17.81 2.16
N ALA D 142 6.57 -16.85 2.94
CA ALA D 142 5.27 -16.96 3.60
C ALA D 142 4.17 -17.08 2.55
N PHE D 143 4.39 -16.44 1.41
CA PHE D 143 3.43 -16.50 0.32
C PHE D 143 3.93 -17.53 -0.68
N SER D 144 3.06 -18.49 -1.00
CA SER D 144 3.39 -19.57 -1.94
C SER D 144 2.14 -19.95 -2.72
N PRO D 145 2.28 -20.83 -3.73
CA PRO D 145 1.09 -21.23 -4.50
C PRO D 145 0.10 -21.95 -3.59
N ALA D 146 0.64 -22.72 -2.64
CA ALA D 146 -0.16 -23.47 -1.68
C ALA D 146 -1.00 -22.58 -0.80
N VAL D 147 -0.36 -21.59 -0.18
CA VAL D 147 -1.04 -20.66 0.71
C VAL D 147 -2.09 -19.83 -0.03
N LEU D 148 -2.07 -19.89 -1.37
CA LEU D 148 -3.02 -19.14 -2.17
C LEU D 148 -4.22 -20.01 -2.56
N ALA D 149 -3.99 -21.33 -2.56
CA ALA D 149 -5.05 -22.27 -2.90
C ALA D 149 -6.00 -22.50 -1.73
N GLU D 150 -5.43 -22.68 -0.55
CA GLU D 150 -6.23 -22.92 0.67
C GLU D 150 -7.40 -21.96 0.76
N ARG D 151 -7.14 -20.70 0.42
CA ARG D 151 -8.15 -19.65 0.47
C ARG D 151 -9.09 -19.67 -0.73
N ALA D 152 -8.56 -19.98 -1.90
CA ALA D 152 -9.39 -20.00 -3.12
C ALA D 152 -10.40 -21.15 -3.14
N VAL D 153 -9.97 -22.33 -2.71
CA VAL D 153 -10.85 -23.51 -2.69
C VAL D 153 -11.93 -23.44 -1.61
N LYS D 154 -12.21 -22.24 -1.11
CA LYS D 154 -13.21 -22.09 -0.06
C LYS D 154 -14.11 -20.86 -0.18
N THR D 155 -14.44 -20.46 -1.39
CA THR D 155 -15.30 -19.30 -1.54
C THR D 155 -15.86 -19.08 -2.95
N LYS D 156 -17.06 -18.52 -3.02
CA LYS D 156 -17.69 -18.27 -4.30
C LYS D 156 -17.27 -16.96 -4.93
N ARG D 157 -16.89 -16.00 -4.09
CA ARG D 157 -16.46 -14.69 -4.56
C ARG D 157 -15.49 -14.74 -5.75
N SER D 158 -15.40 -13.63 -6.48
CA SER D 158 -14.52 -13.53 -7.63
C SER D 158 -13.08 -13.71 -7.20
N VAL D 159 -12.17 -13.89 -8.15
CA VAL D 159 -10.76 -14.06 -7.82
C VAL D 159 -10.14 -12.70 -7.51
N LYS D 160 -10.68 -11.64 -8.11
CA LYS D 160 -10.18 -10.31 -7.86
C LYS D 160 -10.54 -9.91 -6.43
N ALA D 161 -11.76 -10.24 -6.02
CA ALA D 161 -12.23 -9.91 -4.68
C ALA D 161 -11.37 -10.58 -3.62
N LEU D 162 -10.76 -11.71 -3.98
CA LEU D 162 -9.91 -12.48 -3.07
C LEU D 162 -8.53 -11.84 -2.93
N LEU D 163 -8.03 -11.26 -4.02
CA LEU D 163 -6.72 -10.61 -4.03
C LEU D 163 -6.69 -9.22 -3.40
N LEU D 164 -7.83 -8.53 -3.40
CA LEU D 164 -7.90 -7.20 -2.81
C LEU D 164 -7.91 -7.30 -1.29
N ASP D 165 -8.29 -8.47 -0.79
CA ASP D 165 -8.37 -8.73 0.64
C ASP D 165 -6.99 -8.85 1.31
N GLN D 166 -6.67 -7.90 2.18
CA GLN D 166 -5.38 -7.87 2.87
C GLN D 166 -5.07 -9.05 3.83
N THR D 167 -6.10 -9.78 4.26
CA THR D 167 -5.87 -10.93 5.15
C THR D 167 -5.37 -12.12 4.34
N VAL D 168 -5.68 -12.16 3.04
CA VAL D 168 -5.23 -13.25 2.19
C VAL D 168 -3.76 -13.07 1.86
N VAL D 169 -3.42 -11.90 1.32
CA VAL D 169 -2.04 -11.56 0.96
C VAL D 169 -1.96 -10.05 1.14
N ALA D 170 -0.88 -9.56 1.72
CA ALA D 170 -0.76 -8.13 1.96
C ALA D 170 -0.07 -7.28 0.91
N GLY D 171 -0.71 -6.18 0.52
CA GLY D 171 -0.08 -5.29 -0.43
C GLY D 171 -0.66 -5.01 -1.80
N PHE D 172 -1.50 -5.90 -2.32
CA PHE D 172 -2.08 -5.70 -3.66
C PHE D 172 -3.29 -4.80 -3.72
N GLY D 173 -3.36 -3.99 -4.78
CA GLY D 173 -4.46 -3.08 -4.97
C GLY D 173 -5.09 -3.16 -6.38
N ASN D 174 -6.00 -2.22 -6.66
CA ASN D 174 -6.70 -2.19 -7.94
C ASN D 174 -5.79 -2.24 -9.16
N ILE D 175 -4.69 -1.50 -9.10
CA ILE D 175 -3.76 -1.46 -10.22
C ILE D 175 -3.04 -2.78 -10.43
N TYR D 176 -2.37 -3.30 -9.39
CA TYR D 176 -1.62 -4.54 -9.55
C TYR D 176 -2.42 -5.83 -9.56
N VAL D 177 -3.69 -5.76 -9.15
CA VAL D 177 -4.53 -6.96 -9.22
C VAL D 177 -4.95 -7.13 -10.69
N ASP D 178 -5.39 -6.05 -11.32
CA ASP D 178 -5.80 -6.10 -12.73
C ASP D 178 -4.62 -6.48 -13.63
N GLU D 179 -3.43 -5.92 -13.35
CA GLU D 179 -2.25 -6.23 -14.15
C GLU D 179 -1.85 -7.70 -14.01
N SER D 180 -1.85 -8.20 -12.78
CA SER D 180 -1.50 -9.58 -12.52
C SER D 180 -2.46 -10.58 -13.19
N LEU D 181 -3.75 -10.31 -13.12
CA LEU D 181 -4.70 -11.22 -13.72
C LEU D 181 -4.59 -11.22 -15.26
N PHE D 182 -4.09 -10.12 -15.83
CA PHE D 182 -3.91 -10.02 -17.28
C PHE D 182 -2.73 -10.86 -17.71
N ARG D 183 -1.63 -10.73 -16.97
CA ARG D 183 -0.41 -11.46 -17.26
C ARG D 183 -0.61 -12.96 -17.08
N ALA D 184 -1.61 -13.34 -16.31
CA ALA D 184 -1.90 -14.74 -16.04
C ALA D 184 -2.99 -15.29 -16.94
N GLY D 185 -3.64 -14.41 -17.70
CA GLY D 185 -4.70 -14.84 -18.60
C GLY D 185 -5.94 -15.36 -17.89
N ILE D 186 -6.37 -14.64 -16.85
CA ILE D 186 -7.53 -15.01 -16.06
C ILE D 186 -8.49 -13.83 -15.89
N LEU D 187 -9.76 -14.04 -16.22
CA LEU D 187 -10.75 -12.98 -16.09
C LEU D 187 -10.97 -12.65 -14.61
N PRO D 188 -11.06 -11.36 -14.28
CA PRO D 188 -11.26 -10.91 -12.90
C PRO D 188 -12.59 -11.31 -12.25
N GLY D 189 -13.67 -11.25 -13.01
CA GLY D 189 -14.96 -11.62 -12.46
C GLY D 189 -15.20 -13.10 -12.25
N ARG D 190 -14.25 -13.95 -12.58
CA ARG D 190 -14.43 -15.39 -12.42
C ARG D 190 -14.30 -15.88 -10.97
N PRO D 191 -15.03 -16.94 -10.60
CA PRO D 191 -15.02 -17.54 -9.26
C PRO D 191 -13.64 -18.03 -8.86
N ALA D 192 -13.24 -17.75 -7.62
CA ALA D 192 -11.93 -18.16 -7.12
C ALA D 192 -11.78 -19.68 -7.05
N ALA D 193 -12.89 -20.36 -6.84
CA ALA D 193 -12.91 -21.82 -6.75
C ALA D 193 -12.85 -22.48 -8.12
N SER D 194 -13.17 -21.73 -9.17
CA SER D 194 -13.15 -22.25 -10.53
C SER D 194 -11.75 -22.19 -11.14
N LEU D 195 -10.73 -22.03 -10.29
CA LEU D 195 -9.37 -21.95 -10.79
C LEU D 195 -8.61 -23.27 -10.60
N SER D 196 -8.03 -23.75 -11.69
CA SER D 196 -7.27 -24.99 -11.66
C SER D 196 -5.95 -24.79 -10.92
N SER D 197 -5.23 -25.88 -10.73
CA SER D 197 -3.95 -25.81 -10.03
C SER D 197 -2.95 -25.08 -10.93
N LYS D 198 -2.94 -25.42 -12.21
CA LYS D 198 -2.03 -24.81 -13.17
C LYS D 198 -2.21 -23.30 -13.18
N GLU D 199 -3.44 -22.86 -12.92
CA GLU D 199 -3.75 -21.43 -12.90
C GLU D 199 -3.28 -20.80 -11.59
N ILE D 200 -3.53 -21.48 -10.48
CA ILE D 200 -3.11 -20.96 -9.18
C ILE D 200 -1.62 -20.66 -9.22
N GLU D 201 -0.81 -21.68 -9.48
CA GLU D 201 0.64 -21.50 -9.53
C GLU D 201 1.04 -20.39 -10.48
N ARG D 202 0.36 -20.33 -11.62
CA ARG D 202 0.64 -19.31 -12.64
C ARG D 202 0.37 -17.91 -12.12
N LEU D 203 -0.76 -17.76 -11.44
CA LEU D 203 -1.18 -16.50 -10.85
C LEU D 203 -0.22 -16.07 -9.75
N HIS D 204 0.24 -17.03 -8.95
CA HIS D 204 1.18 -16.73 -7.87
C HIS D 204 2.48 -16.19 -8.44
N GLU D 205 2.90 -16.77 -9.57
CA GLU D 205 4.13 -16.37 -10.21
C GLU D 205 4.06 -15.01 -10.88
N GLU D 206 2.91 -14.66 -11.42
CA GLU D 206 2.75 -13.36 -12.08
C GLU D 206 2.63 -12.22 -11.07
N MET D 207 2.14 -12.53 -9.87
CA MET D 207 1.99 -11.51 -8.83
C MET D 207 3.36 -11.16 -8.27
N VAL D 208 4.18 -12.18 -8.06
CA VAL D 208 5.53 -11.98 -7.56
C VAL D 208 6.35 -11.19 -8.55
N ALA D 209 6.32 -11.60 -9.81
CA ALA D 209 7.08 -10.91 -10.86
C ALA D 209 6.58 -9.50 -11.15
N THR D 210 5.29 -9.23 -10.87
CA THR D 210 4.76 -7.88 -11.12
C THR D 210 5.16 -6.94 -9.96
N ILE D 211 4.90 -7.37 -8.74
CA ILE D 211 5.25 -6.56 -7.57
C ILE D 211 6.76 -6.27 -7.53
N GLY D 212 7.56 -7.24 -7.95
CA GLY D 212 9.00 -7.07 -7.96
C GLY D 212 9.44 -6.02 -8.96
N GLU D 213 8.90 -6.11 -10.17
CA GLU D 213 9.25 -5.16 -11.23
C GLU D 213 8.89 -3.73 -10.90
N ALA D 214 7.66 -3.54 -10.42
CA ALA D 214 7.19 -2.19 -10.07
C ALA D 214 8.12 -1.54 -9.06
N VAL D 215 8.59 -2.31 -8.08
CA VAL D 215 9.50 -1.78 -7.06
C VAL D 215 10.82 -1.27 -7.67
N MET D 216 11.41 -2.06 -8.58
CA MET D 216 12.67 -1.68 -9.22
C MET D 216 12.53 -0.46 -10.13
N LYS D 217 11.30 0.04 -10.28
CA LYS D 217 11.05 1.22 -11.13
C LYS D 217 10.44 2.36 -10.33
N GLY D 218 10.44 2.24 -9.01
CA GLY D 218 9.88 3.27 -8.14
C GLY D 218 8.38 3.50 -8.29
N GLY D 219 7.62 2.42 -8.41
CA GLY D 219 6.17 2.53 -8.55
C GLY D 219 5.66 3.15 -9.85
N SER D 220 4.34 3.22 -9.99
CA SER D 220 3.69 3.78 -11.16
C SER D 220 3.05 5.16 -10.86
N THR D 221 3.08 6.07 -11.83
CA THR D 221 2.49 7.39 -11.63
C THR D 221 1.10 7.49 -12.24
N VAL D 222 0.08 7.19 -11.43
CA VAL D 222 -1.32 7.27 -11.86
C VAL D 222 -2.01 8.39 -11.10
N ARG D 223 -2.98 9.03 -11.73
CA ARG D 223 -3.68 10.14 -11.09
C ARG D 223 -2.87 11.42 -11.12
N GLY D 233 8.84 7.80 -10.53
CA GLY D 233 7.89 6.74 -10.87
C GLY D 233 7.82 6.52 -12.36
N THR D 234 8.16 5.32 -12.82
CA THR D 234 8.16 5.02 -14.25
C THR D 234 7.45 3.73 -14.68
N PHE D 235 6.80 3.03 -13.74
CA PHE D 235 6.16 1.77 -14.11
C PHE D 235 4.84 1.87 -14.89
N GLN D 236 4.22 3.05 -14.89
CA GLN D 236 2.96 3.21 -15.61
C GLN D 236 3.15 3.00 -17.11
N HIS D 237 4.40 3.06 -17.57
CA HIS D 237 4.69 2.85 -18.98
C HIS D 237 4.70 1.37 -19.27
N HIS D 238 4.64 0.56 -18.22
CA HIS D 238 4.64 -0.88 -18.35
C HIS D 238 3.28 -1.50 -18.02
N LEU D 239 2.25 -0.67 -17.91
CA LEU D 239 0.92 -1.16 -17.61
C LEU D 239 0.30 -1.77 -18.87
N TYR D 240 -0.39 -2.90 -18.71
CA TYR D 240 -1.02 -3.56 -19.84
C TYR D 240 -2.50 -3.19 -19.98
N VAL D 241 -3.22 -3.18 -18.86
CA VAL D 241 -4.64 -2.87 -18.91
C VAL D 241 -5.13 -1.65 -18.10
N TYR D 242 -4.63 -1.50 -16.88
CA TYR D 242 -5.10 -0.40 -16.03
C TYR D 242 -5.08 0.98 -16.67
N GLY D 243 -6.26 1.61 -16.72
CA GLY D 243 -6.39 2.93 -17.29
C GLY D 243 -6.32 2.98 -18.81
N ARG D 244 -6.56 1.86 -19.48
CA ARG D 244 -6.49 1.83 -20.94
C ARG D 244 -7.80 1.42 -21.61
N GLN D 245 -8.92 1.93 -21.13
CA GLN D 245 -10.22 1.61 -21.74
C GLN D 245 -10.19 1.98 -23.22
N GLY D 246 -10.85 1.17 -24.05
CA GLY D 246 -10.88 1.46 -25.47
C GLY D 246 -9.56 1.71 -26.17
N ASN D 247 -8.54 1.08 -25.77
CA ASN D 247 -7.20 1.13 -26.33
C ASN D 247 -6.74 -0.25 -26.77
N PRO D 248 -6.12 -0.40 -27.91
CA PRO D 248 -5.61 -1.69 -28.39
C PRO D 248 -4.69 -2.42 -27.42
N CYS D 249 -4.99 -3.71 -27.18
CA CYS D 249 -4.18 -4.52 -26.28
C CYS D 249 -2.77 -4.59 -26.86
N LYS D 250 -1.76 -4.66 -25.98
CA LYS D 250 -0.37 -4.72 -26.42
C LYS D 250 0.07 -6.09 -26.93
N ARG D 251 -0.71 -7.13 -26.68
CA ARG D 251 -0.36 -8.46 -27.13
C ARG D 251 -1.20 -8.97 -28.31
N CYS D 252 -2.48 -8.59 -28.37
CA CYS D 252 -3.36 -9.03 -29.44
C CYS D 252 -4.03 -7.93 -30.25
N GLY D 253 -4.19 -6.74 -29.67
CA GLY D 253 -4.82 -5.65 -30.41
C GLY D 253 -6.31 -5.43 -30.21
N THR D 254 -6.92 -6.23 -29.34
CA THR D 254 -8.34 -6.06 -29.06
C THR D 254 -8.51 -4.86 -28.15
N PRO D 255 -9.54 -4.03 -28.37
CA PRO D 255 -9.72 -2.85 -27.50
C PRO D 255 -9.90 -3.25 -26.02
N ILE D 256 -9.14 -2.65 -25.12
CA ILE D 256 -9.27 -2.98 -23.71
C ILE D 256 -10.66 -2.56 -23.22
N GLU D 257 -11.26 -3.37 -22.35
CA GLU D 257 -12.59 -3.05 -21.83
C GLU D 257 -12.60 -2.64 -20.35
N LYS D 258 -13.68 -1.99 -19.94
CA LYS D 258 -13.83 -1.53 -18.55
C LYS D 258 -15.22 -1.62 -17.94
N THR D 259 -15.32 -2.57 -16.99
CA THR D 259 -16.59 -2.69 -16.28
C THR D 259 -16.49 -2.47 -14.78
N VAL D 260 -17.29 -3.28 -14.07
CA VAL D 260 -17.23 -3.20 -12.62
C VAL D 260 -17.30 -4.59 -11.82
N VAL D 261 -16.19 -4.95 -11.17
CA VAL D 261 -16.05 -6.22 -10.47
C VAL D 261 -15.68 -5.97 -9.01
N ALA D 262 -16.36 -6.66 -8.11
CA ALA D 262 -16.11 -6.51 -6.68
C ALA D 262 -16.35 -5.07 -6.23
N GLY D 263 -17.24 -4.36 -6.92
CA GLY D 263 -17.54 -2.99 -6.58
C GLY D 263 -16.50 -1.98 -7.04
N ARG D 264 -15.50 -2.45 -7.77
CA ARG D 264 -14.43 -1.57 -8.25
C ARG D 264 -14.27 -1.54 -9.78
N GLY D 265 -13.76 -0.43 -10.31
CA GLY D 265 -13.53 -0.31 -11.73
C GLY D 265 -12.61 -1.47 -12.11
N THR D 266 -12.79 -2.04 -13.30
CA THR D 266 -11.98 -3.19 -13.70
C THR D 266 -11.60 -3.20 -15.19
N HIS D 267 -10.30 -3.28 -15.47
CA HIS D 267 -9.81 -3.29 -16.86
C HIS D 267 -9.28 -4.66 -17.27
N TYR D 268 -9.61 -5.09 -18.47
CA TYR D 268 -9.16 -6.40 -18.96
C TYR D 268 -9.26 -6.56 -20.48
N CYS D 269 -8.62 -7.60 -20.99
CA CYS D 269 -8.67 -7.91 -22.41
C CYS D 269 -9.58 -9.13 -22.54
N PRO D 270 -10.62 -9.03 -23.38
CA PRO D 270 -11.58 -10.11 -23.60
C PRO D 270 -11.06 -11.34 -24.36
N ARG D 271 -9.99 -11.18 -25.13
CA ARG D 271 -9.40 -12.30 -25.86
C ARG D 271 -8.29 -12.97 -25.07
N CYS D 272 -7.37 -12.15 -24.52
CA CYS D 272 -6.22 -12.65 -23.74
C CYS D 272 -6.59 -13.31 -22.42
N GLN D 273 -7.63 -12.80 -21.77
CA GLN D 273 -8.05 -13.37 -20.50
C GLN D 273 -9.26 -14.28 -20.67
N ARG D 274 -9.27 -15.39 -19.94
CA ARG D 274 -10.38 -16.34 -20.04
C ARG D 274 -10.26 -17.44 -18.99
ZN ZN E . -5.17 -9.21 -25.51
#